data_5XFS
#
_entry.id   5XFS
#
_cell.length_a   54.740
_cell.length_b   69.960
_cell.length_c   203.549
_cell.angle_alpha   90.00
_cell.angle_beta   90.00
_cell.angle_gamma   90.00
#
_symmetry.space_group_name_H-M   'P 21 21 21'
#
loop_
_entity.id
_entity.type
_entity.pdbx_description
1 polymer 'PE family protein PE8'
2 polymer 'PPE family protein PPE15'
3 polymer 'ESX-5 secretion-associated protein EspG5'
4 water water
#
loop_
_entity_poly.entity_id
_entity_poly.type
_entity_poly.pdbx_seq_one_letter_code
_entity_poly.pdbx_strand_id
1 'polypeptide(L)'
;GPLGSMSFLKTVPEELTAAAAQLGTIGAAMAAQNAAAAAPTTAIAPAALDEVSALQAALFTAYGTFYQQVSAEAQAMHDM
FVNTLGISAGTYGVTESLNSSAAA
;
A
2 'polypeptide(L)'
;HHHHHHHMMDFGALPPEINSARMYAGAGAGPMMAAGAAWNGLAAELGTTAASYESVITRLTTESWMGPASMAMVAAAQPY
LAWLTYTAEAAAHAGSQAMASAAAYEAAYAMTVPPEVVAANRALLAALVATNVLGINTPAIMATEALYAEMWAQDALAMY
GYAAASGAAGMLQPLSPPSQTTNPGGLAAQSAAVGSAAATAA
;
B
3 'polypeptide(L)'
;HHHHHHHMMDQQSTRTDITVNVDGFWMLQALLDIRHVAPELRCRPYVSTDSNDWLNEHPGMAVMREQGIVVNDAVNEQVA
ARMKVLAAPDLEVVALLSRGKLLYGVIDDENQPPGSRDIPDNEFRVVLARRGQHWVSAVRVGNDITVDDVTVSDSASIAA
LVMDGLESIHHADPAAINAVNVPMEEMLEATKSWQESGFNVFSGGDLRRMGISAATVAALGQALSDPAAEVAVYARQYRD
DAKGPSASVLSLKDGSGGRIALYQQARTAGSGEAWLAICPATPQLVQVGVKTVLDTLPYGEWKTHSRV
;
C
#
# COMPACT_ATOMS: atom_id res chain seq x y z
N VAL A 12 -21.84 22.10 -66.08
CA VAL A 12 -22.88 22.73 -65.29
C VAL A 12 -22.26 23.57 -64.18
N PRO A 13 -21.88 24.81 -64.50
CA PRO A 13 -21.26 25.70 -63.52
C PRO A 13 -22.23 26.08 -62.42
N GLU A 14 -23.52 25.80 -62.63
CA GLU A 14 -24.53 26.10 -61.64
C GLU A 14 -24.55 25.00 -60.58
N GLU A 15 -23.79 23.94 -60.83
CA GLU A 15 -23.70 22.83 -59.89
C GLU A 15 -22.46 22.69 -59.37
N LEU A 16 -21.48 23.17 -60.11
CA LEU A 16 -20.11 23.17 -59.63
C LEU A 16 -19.99 24.20 -58.52
N THR A 17 -20.04 25.47 -58.89
CA THR A 17 -19.95 26.54 -57.90
C THR A 17 -20.87 26.27 -56.70
N ALA A 18 -21.98 25.55 -56.89
CA ALA A 18 -22.78 25.13 -55.75
C ALA A 18 -21.98 24.20 -54.84
N ALA A 19 -21.38 23.15 -55.42
CA ALA A 19 -20.54 22.25 -54.62
C ALA A 19 -19.36 22.99 -54.00
N ALA A 20 -18.89 24.07 -54.65
CA ALA A 20 -17.84 24.90 -54.08
C ALA A 20 -18.30 25.51 -52.76
N ALA A 21 -19.42 26.25 -52.80
CA ALA A 21 -19.88 26.97 -51.63
C ALA A 21 -20.42 26.01 -50.57
N GLN A 22 -21.13 24.97 -50.98
CA GLN A 22 -21.63 24.00 -50.00
C GLN A 22 -20.48 23.35 -49.24
N LEU A 23 -19.38 23.06 -49.93
CA LEU A 23 -18.24 22.44 -49.26
C LEU A 23 -17.38 23.43 -48.50
N GLY A 24 -17.58 24.73 -48.70
CA GLY A 24 -16.84 25.71 -47.95
C GLY A 24 -17.48 25.96 -46.61
N THR A 25 -18.82 25.86 -46.58
CA THR A 25 -19.59 25.96 -45.35
C THR A 25 -19.48 24.69 -44.50
N ILE A 26 -19.02 23.59 -45.09
CA ILE A 26 -18.74 22.40 -44.32
C ILE A 26 -17.35 22.48 -43.71
N GLY A 27 -16.43 23.18 -44.37
CA GLY A 27 -15.10 23.36 -43.82
C GLY A 27 -15.06 24.43 -42.76
N ALA A 28 -15.90 25.46 -42.88
CA ALA A 28 -16.06 26.41 -41.80
C ALA A 28 -16.63 25.72 -40.56
N ALA A 29 -17.72 24.96 -40.75
CA ALA A 29 -18.32 24.20 -39.65
C ALA A 29 -17.33 23.21 -39.04
N MET A 30 -16.36 22.75 -39.84
CA MET A 30 -15.33 21.86 -39.33
C MET A 30 -14.26 22.65 -38.59
N ALA A 31 -13.77 23.74 -39.18
CA ALA A 31 -12.92 24.66 -38.43
C ALA A 31 -13.58 25.07 -37.11
N ALA A 32 -14.91 25.18 -37.12
CA ALA A 32 -15.64 25.63 -35.94
C ALA A 32 -15.52 24.62 -34.80
N GLN A 33 -15.82 23.35 -35.08
CA GLN A 33 -15.62 22.34 -34.05
C GLN A 33 -14.16 22.22 -33.65
N ASN A 34 -13.24 22.62 -34.53
CA ASN A 34 -11.83 22.38 -34.27
C ASN A 34 -11.30 23.29 -33.18
N ALA A 35 -11.76 24.55 -33.17
CA ALA A 35 -11.37 25.51 -32.15
C ALA A 35 -12.23 25.40 -30.91
N ALA A 36 -13.43 24.83 -31.03
CA ALA A 36 -14.23 24.51 -29.86
C ALA A 36 -13.53 23.48 -28.99
N ALA A 37 -13.13 22.36 -29.59
CA ALA A 37 -12.46 21.29 -28.86
C ALA A 37 -11.04 21.63 -28.44
N ALA A 38 -10.49 22.78 -28.83
CA ALA A 38 -9.10 23.11 -28.49
C ALA A 38 -8.91 23.12 -26.98
N ALA A 39 -9.66 23.98 -26.28
CA ALA A 39 -9.48 24.13 -24.82
C ALA A 39 -9.74 22.84 -24.03
N PRO A 40 -10.84 22.11 -24.21
CA PRO A 40 -11.00 20.88 -23.41
C PRO A 40 -10.02 19.75 -23.77
N THR A 41 -9.44 19.70 -24.97
CA THR A 41 -8.45 18.69 -25.28
C THR A 41 -7.02 19.08 -24.94
N THR A 42 -6.77 20.31 -24.46
CA THR A 42 -5.40 20.75 -24.24
C THR A 42 -5.15 21.42 -22.89
N ALA A 43 -6.19 21.75 -22.12
CA ALA A 43 -6.02 22.23 -20.75
C ALA A 43 -6.50 21.19 -19.76
N ILE A 44 -5.87 20.02 -19.75
CA ILE A 44 -6.23 18.95 -18.83
C ILE A 44 -5.36 19.08 -17.60
N ALA A 45 -6.01 19.32 -16.45
CA ALA A 45 -5.32 19.25 -15.17
C ALA A 45 -5.26 17.79 -14.70
N PRO A 46 -4.18 17.41 -14.02
CA PRO A 46 -4.10 16.05 -13.47
C PRO A 46 -5.23 15.76 -12.50
N ALA A 47 -5.80 14.54 -12.62
CA ALA A 47 -6.88 14.13 -11.72
C ALA A 47 -6.42 14.07 -10.27
N ALA A 48 -5.16 13.68 -10.04
CA ALA A 48 -4.59 13.63 -8.70
C ALA A 48 -3.12 14.00 -8.81
N LEU A 49 -2.44 14.04 -7.66
CA LEU A 49 -1.13 14.67 -7.60
C LEU A 49 0.01 13.65 -7.66
N ASP A 50 -0.24 12.49 -8.23
CA ASP A 50 0.79 11.47 -8.41
C ASP A 50 1.38 11.54 -9.81
N GLU A 51 2.39 10.71 -10.04
CA GLU A 51 3.12 10.69 -11.29
C GLU A 51 2.30 10.09 -12.43
N VAL A 52 1.49 9.07 -12.16
CA VAL A 52 0.65 8.53 -13.23
C VAL A 52 -0.36 9.57 -13.70
N SER A 53 -0.98 10.30 -12.76
CA SER A 53 -2.00 11.28 -13.13
C SER A 53 -1.43 12.40 -13.98
N ALA A 54 -0.15 12.73 -13.76
CA ALA A 54 0.55 13.77 -14.52
C ALA A 54 0.88 13.30 -15.94
N LEU A 55 1.63 12.20 -16.07
CA LEU A 55 1.87 11.57 -17.36
C LEU A 55 0.60 11.53 -18.21
N GLN A 56 -0.48 10.97 -17.67
CA GLN A 56 -1.69 10.76 -18.46
C GLN A 56 -2.23 12.08 -19.02
N ALA A 57 -2.16 13.17 -18.24
CA ALA A 57 -2.68 14.45 -18.72
C ALA A 57 -1.72 15.13 -19.68
N ALA A 58 -0.41 15.00 -19.45
CA ALA A 58 0.57 15.57 -20.36
C ALA A 58 0.45 14.96 -21.76
N LEU A 59 0.24 13.64 -21.86
CA LEU A 59 0.09 13.07 -23.19
C LEU A 59 -1.14 13.66 -23.88
N PHE A 60 -2.32 13.50 -23.28
CA PHE A 60 -3.54 13.91 -23.96
C PHE A 60 -3.53 15.39 -24.35
N THR A 61 -2.74 16.22 -23.65
CA THR A 61 -2.59 17.62 -24.06
C THR A 61 -1.55 17.78 -25.14
N ALA A 62 -0.46 17.02 -25.07
CA ALA A 62 0.46 16.97 -26.20
C ALA A 62 -0.29 16.52 -27.45
N TYR A 63 -1.22 15.58 -27.27
CA TYR A 63 -1.93 15.01 -28.40
C TYR A 63 -2.93 15.99 -29.01
N GLY A 64 -3.65 16.74 -28.17
CA GLY A 64 -4.60 17.69 -28.71
C GLY A 64 -3.90 18.88 -29.33
N THR A 65 -2.74 19.24 -28.79
CA THR A 65 -1.88 20.25 -29.42
C THR A 65 -1.40 19.78 -30.80
N PHE A 66 -0.83 18.57 -30.86
CA PHE A 66 -0.38 18.06 -32.16
C PHE A 66 -1.57 17.91 -33.10
N TYR A 67 -2.74 17.55 -32.58
CA TYR A 67 -3.91 17.53 -33.46
C TYR A 67 -4.23 18.93 -33.99
N GLN A 68 -3.97 19.97 -33.19
CA GLN A 68 -4.34 21.32 -33.64
C GLN A 68 -3.49 21.80 -34.81
N GLN A 69 -2.24 21.33 -34.93
CA GLN A 69 -1.44 21.63 -36.12
C GLN A 69 -1.85 20.75 -37.30
N VAL A 70 -2.03 19.46 -37.06
CA VAL A 70 -2.38 18.56 -38.16
C VAL A 70 -3.67 19.01 -38.81
N SER A 71 -4.68 19.37 -38.02
CA SER A 71 -5.95 19.85 -38.58
C SER A 71 -5.79 21.18 -39.31
N ALA A 72 -4.97 22.08 -38.76
CA ALA A 72 -4.67 23.34 -39.43
C ALA A 72 -4.08 23.09 -40.80
N GLU A 73 -3.09 22.20 -40.87
CA GLU A 73 -2.46 21.84 -42.13
C GLU A 73 -3.44 21.12 -43.06
N ALA A 74 -4.37 20.33 -42.49
CA ALA A 74 -5.36 19.67 -43.33
C ALA A 74 -6.31 20.68 -43.95
N GLN A 75 -6.84 21.58 -43.13
CA GLN A 75 -7.79 22.58 -43.61
C GLN A 75 -7.24 23.44 -44.72
N ALA A 76 -5.95 23.74 -44.66
CA ALA A 76 -5.33 24.54 -45.73
C ALA A 76 -5.48 23.85 -47.07
N MET A 77 -5.34 22.53 -47.09
CA MET A 77 -5.44 21.78 -48.34
C MET A 77 -6.89 21.55 -48.75
N HIS A 78 -7.81 21.48 -47.78
CA HIS A 78 -9.22 21.62 -48.11
C HIS A 78 -9.52 22.99 -48.73
N ASP A 79 -8.87 24.05 -48.22
CA ASP A 79 -9.07 25.38 -48.76
C ASP A 79 -8.62 25.46 -50.22
N MET A 80 -7.62 24.64 -50.60
CA MET A 80 -7.19 24.64 -52.01
C MET A 80 -8.20 23.95 -52.89
N PHE A 81 -8.80 22.87 -52.40
CA PHE A 81 -9.68 22.12 -53.27
C PHE A 81 -10.98 22.85 -53.50
N VAL A 82 -11.42 23.62 -52.50
CA VAL A 82 -12.65 24.40 -52.65
C VAL A 82 -12.41 25.59 -53.56
N ASN A 83 -11.20 26.17 -53.49
CA ASN A 83 -10.80 27.19 -54.46
C ASN A 83 -10.72 26.62 -55.86
N THR A 84 -9.94 25.55 -56.00
CA THR A 84 -9.74 24.92 -57.30
C THR A 84 -11.02 24.39 -57.92
N LEU A 85 -11.89 23.81 -57.11
CA LEU A 85 -13.15 23.33 -57.63
C LEU A 85 -13.97 24.53 -58.08
N GLY A 86 -13.92 25.57 -57.27
CA GLY A 86 -14.61 26.82 -57.51
C GLY A 86 -14.13 27.56 -58.74
N ILE A 87 -12.84 27.48 -59.00
CA ILE A 87 -12.24 28.16 -60.14
C ILE A 87 -12.83 27.67 -61.45
N SER A 88 -13.07 26.36 -61.57
CA SER A 88 -13.62 25.85 -62.79
C SER A 88 -14.99 26.46 -62.98
N ALA A 89 -15.20 27.07 -64.14
CA ALA A 89 -16.44 27.74 -64.48
C ALA A 89 -16.46 28.03 -65.97
N MET B 9 11.45 6.01 -8.70
CA MET B 9 10.83 5.66 -7.43
C MET B 9 9.97 4.38 -7.58
N ASP B 10 9.20 4.07 -6.56
CA ASP B 10 8.24 2.98 -6.63
C ASP B 10 7.03 3.34 -5.78
N PHE B 11 5.82 3.10 -6.30
CA PHE B 11 4.62 3.40 -5.52
C PHE B 11 4.52 2.50 -4.28
N GLY B 12 4.91 1.23 -4.41
CA GLY B 12 4.89 0.32 -3.27
C GLY B 12 5.90 0.66 -2.20
N ALA B 13 6.96 1.39 -2.54
CA ALA B 13 7.92 1.81 -1.52
C ALA B 13 7.41 2.95 -0.64
N LEU B 14 6.21 3.58 -0.99
CA LEU B 14 5.59 4.76 -0.38
C LEU B 14 4.55 4.34 0.66
N PRO B 15 4.54 5.00 1.82
CA PRO B 15 3.59 4.63 2.90
C PRO B 15 2.17 5.07 2.59
N PRO B 16 1.17 4.46 3.24
CA PRO B 16 -0.22 4.76 2.83
C PRO B 16 -0.58 6.22 3.00
N GLU B 17 0.05 6.90 3.99
CA GLU B 17 -0.17 8.33 4.20
C GLU B 17 0.18 9.15 2.97
N ILE B 18 1.08 8.66 2.12
CA ILE B 18 1.44 9.42 0.92
C ILE B 18 0.54 9.05 -0.26
N ASN B 19 0.33 7.76 -0.50
CA ASN B 19 -0.36 7.38 -1.73
C ASN B 19 -1.79 7.86 -1.74
N SER B 20 -2.37 8.05 -0.58
CA SER B 20 -3.75 8.47 -0.48
C SER B 20 -3.91 9.99 -0.28
N ALA B 21 -2.95 10.64 0.40
CA ALA B 21 -2.86 12.09 0.36
C ALA B 21 -2.80 12.59 -1.09
N ARG B 22 -1.91 12.01 -1.89
CA ARG B 22 -1.73 12.50 -3.25
C ARG B 22 -2.89 12.10 -4.15
N MET B 23 -3.69 11.13 -3.75
CA MET B 23 -4.81 10.69 -4.57
C MET B 23 -6.14 11.37 -4.22
N TYR B 24 -6.27 11.78 -2.97
CA TYR B 24 -7.49 12.43 -2.49
C TYR B 24 -7.47 13.93 -2.69
N ALA B 25 -6.53 14.39 -3.51
CA ALA B 25 -6.37 15.78 -3.85
C ALA B 25 -6.09 15.85 -5.35
N GLY B 26 -6.49 16.95 -5.97
CA GLY B 26 -6.41 17.04 -7.41
C GLY B 26 -7.77 17.30 -8.03
N ALA B 27 -7.85 17.16 -9.35
CA ALA B 27 -8.98 17.64 -10.12
C ALA B 27 -10.06 16.60 -10.39
N GLY B 28 -9.80 15.33 -10.10
CA GLY B 28 -10.80 14.31 -10.31
C GLY B 28 -10.92 13.90 -11.77
N ALA B 29 -12.03 13.22 -12.09
CA ALA B 29 -12.23 12.76 -13.46
C ALA B 29 -12.64 13.88 -14.38
N GLY B 30 -13.14 14.98 -13.82
CA GLY B 30 -13.66 16.11 -14.55
C GLY B 30 -12.90 16.51 -15.80
N PRO B 31 -11.60 16.80 -15.67
CA PRO B 31 -10.84 17.24 -16.86
C PRO B 31 -10.81 16.20 -17.95
N MET B 32 -10.65 14.94 -17.58
CA MET B 32 -10.54 13.85 -18.54
C MET B 32 -11.80 13.56 -19.32
N MET B 33 -12.96 13.54 -18.66
CA MET B 33 -14.18 13.31 -19.42
C MET B 33 -14.49 14.49 -20.34
N ALA B 34 -14.07 15.70 -19.97
CA ALA B 34 -14.22 16.86 -20.87
C ALA B 34 -13.34 16.70 -22.09
N ALA B 35 -12.12 16.19 -21.89
CA ALA B 35 -11.28 15.78 -23.00
C ALA B 35 -12.04 14.77 -23.87
N GLY B 36 -12.53 13.70 -23.26
CA GLY B 36 -13.30 12.70 -23.98
C GLY B 36 -14.42 13.23 -24.83
N ALA B 37 -15.41 13.86 -24.21
CA ALA B 37 -16.55 14.40 -24.95
C ALA B 37 -16.10 15.26 -26.13
N ALA B 38 -15.01 16.02 -25.96
CA ALA B 38 -14.48 16.84 -27.03
C ALA B 38 -14.02 15.98 -28.20
N TRP B 39 -13.19 14.98 -27.90
CA TRP B 39 -12.72 14.04 -28.92
C TRP B 39 -13.88 13.38 -29.66
N ASN B 40 -14.97 13.08 -28.96
CA ASN B 40 -16.12 12.53 -29.66
C ASN B 40 -16.84 13.58 -30.49
N GLY B 41 -16.86 14.82 -30.01
CA GLY B 41 -17.46 15.89 -30.80
C GLY B 41 -16.74 16.14 -32.09
N LEU B 42 -15.41 15.88 -32.14
CA LEU B 42 -14.66 15.97 -33.39
C LEU B 42 -14.77 14.71 -34.23
N ALA B 43 -14.60 13.54 -33.62
CA ALA B 43 -14.87 12.31 -34.35
C ALA B 43 -16.19 12.40 -35.09
N ALA B 44 -17.21 12.98 -34.45
CA ALA B 44 -18.51 13.11 -35.08
C ALA B 44 -18.46 14.05 -36.28
N GLU B 45 -17.77 15.20 -36.13
CA GLU B 45 -17.78 16.24 -37.16
C GLU B 45 -16.68 16.09 -38.19
N LEU B 46 -15.68 15.24 -37.96
CA LEU B 46 -14.87 14.75 -39.06
C LEU B 46 -15.73 13.92 -40.01
N GLY B 47 -16.52 13.01 -39.47
CA GLY B 47 -17.23 12.07 -40.30
C GLY B 47 -18.37 12.71 -41.07
N THR B 48 -19.08 13.65 -40.47
CA THR B 48 -20.11 14.36 -41.22
C THR B 48 -19.48 15.19 -42.33
N THR B 49 -18.27 15.69 -42.10
CA THR B 49 -17.51 16.36 -43.15
C THR B 49 -17.01 15.37 -44.21
N ALA B 50 -16.76 14.12 -43.82
CA ALA B 50 -16.41 13.10 -44.81
C ALA B 50 -17.63 12.63 -45.58
N ALA B 51 -18.77 12.49 -44.90
CA ALA B 51 -19.97 11.97 -45.54
C ALA B 51 -20.50 12.89 -46.63
N SER B 52 -20.17 14.19 -46.58
CA SER B 52 -20.63 15.13 -47.59
C SER B 52 -19.63 15.36 -48.72
N TYR B 53 -18.33 15.25 -48.45
CA TYR B 53 -17.38 15.02 -49.54
C TYR B 53 -17.77 13.78 -50.34
N GLU B 54 -17.94 12.64 -49.66
CA GLU B 54 -18.37 11.41 -50.31
C GLU B 54 -19.66 11.64 -51.09
N SER B 55 -20.36 12.74 -50.86
CA SER B 55 -21.60 13.02 -51.57
C SER B 55 -21.38 13.87 -52.81
N VAL B 56 -20.34 14.68 -52.84
CA VAL B 56 -20.08 15.59 -53.94
C VAL B 56 -19.11 14.99 -54.96
N ILE B 57 -18.05 14.35 -54.49
CA ILE B 57 -17.20 13.61 -55.42
C ILE B 57 -17.94 12.41 -56.00
N THR B 58 -18.99 11.92 -55.32
CA THR B 58 -19.71 10.74 -55.78
C THR B 58 -20.90 11.08 -56.67
N ARG B 59 -21.13 12.37 -56.86
CA ARG B 59 -22.16 12.86 -57.75
C ARG B 59 -21.41 13.52 -58.89
N LEU B 60 -20.15 13.83 -58.65
CA LEU B 60 -19.27 14.47 -59.61
C LEU B 60 -18.93 13.35 -60.59
N THR B 61 -18.47 12.23 -60.07
CA THR B 61 -18.09 11.09 -60.91
C THR B 61 -19.35 10.60 -61.64
N THR B 62 -20.46 10.47 -60.93
CA THR B 62 -21.63 9.79 -61.47
C THR B 62 -22.30 10.60 -62.57
N GLU B 63 -22.40 11.91 -62.37
CA GLU B 63 -22.99 12.79 -63.37
C GLU B 63 -21.96 13.16 -64.44
N SER B 64 -20.68 13.13 -64.07
CA SER B 64 -19.58 13.46 -64.98
C SER B 64 -19.59 14.94 -65.38
N TRP B 65 -19.20 15.78 -64.41
CA TRP B 65 -19.24 17.22 -64.61
C TRP B 65 -18.19 17.69 -65.61
N MET B 66 -17.04 17.03 -65.68
CA MET B 66 -15.95 17.42 -66.58
C MET B 66 -15.47 16.23 -67.41
N GLY B 67 -16.42 15.50 -67.98
CA GLY B 67 -16.14 14.38 -68.87
C GLY B 67 -15.11 13.40 -68.37
N PRO B 68 -14.26 12.94 -69.28
CA PRO B 68 -13.23 11.97 -68.92
C PRO B 68 -12.29 12.44 -67.84
N ALA B 69 -12.27 13.75 -67.59
CA ALA B 69 -11.35 14.37 -66.63
C ALA B 69 -12.02 14.71 -65.31
N SER B 70 -13.28 14.36 -65.16
CA SER B 70 -13.92 14.52 -63.86
C SER B 70 -13.02 13.82 -62.82
N MET B 71 -12.34 12.79 -63.28
CA MET B 71 -11.41 12.02 -62.46
C MET B 71 -10.48 12.94 -61.73
N ALA B 72 -9.81 13.77 -62.49
CA ALA B 72 -8.84 14.73 -61.99
C ALA B 72 -9.29 15.47 -60.74
N MET B 73 -10.60 15.66 -60.58
CA MET B 73 -11.07 16.36 -59.39
C MET B 73 -11.21 15.39 -58.22
N VAL B 74 -11.69 14.20 -58.52
CA VAL B 74 -11.79 13.18 -57.50
C VAL B 74 -10.38 13.03 -56.97
N ALA B 75 -9.44 12.88 -57.88
CA ALA B 75 -8.03 12.76 -57.52
C ALA B 75 -7.64 13.84 -56.53
N ALA B 76 -7.83 15.12 -56.92
CA ALA B 76 -7.44 16.24 -56.07
C ALA B 76 -8.01 16.10 -54.66
N ALA B 77 -9.28 15.68 -54.54
CA ALA B 77 -9.94 15.63 -53.23
C ALA B 77 -9.44 14.48 -52.35
N GLN B 78 -8.90 13.40 -52.95
CA GLN B 78 -8.65 12.17 -52.19
C GLN B 78 -7.75 12.36 -50.98
N PRO B 79 -6.57 13.00 -51.09
CA PRO B 79 -5.68 13.07 -49.92
C PRO B 79 -6.31 13.67 -48.66
N TYR B 80 -7.31 14.54 -48.81
CA TYR B 80 -7.98 15.18 -47.69
C TYR B 80 -9.25 14.47 -47.22
N LEU B 81 -9.94 13.81 -48.14
CA LEU B 81 -10.98 12.85 -47.78
C LEU B 81 -10.39 11.67 -47.01
N ALA B 82 -9.20 11.23 -47.40
CA ALA B 82 -8.57 10.13 -46.68
C ALA B 82 -8.28 10.55 -45.25
N TRP B 83 -7.74 11.76 -45.10
CA TRP B 83 -7.37 12.22 -43.78
C TRP B 83 -8.60 12.33 -42.89
N LEU B 84 -9.75 12.65 -43.49
CA LEU B 84 -10.99 12.80 -42.75
C LEU B 84 -11.43 11.48 -42.12
N THR B 85 -11.60 10.45 -42.93
CA THR B 85 -12.03 9.14 -42.43
C THR B 85 -10.99 8.55 -41.48
N TYR B 86 -9.70 8.71 -41.77
CA TYR B 86 -8.69 8.17 -40.86
C TYR B 86 -8.68 8.91 -39.52
N THR B 87 -8.79 10.23 -39.55
CA THR B 87 -8.70 10.98 -38.31
C THR B 87 -9.96 10.84 -37.46
N ALA B 88 -11.13 10.70 -38.09
CA ALA B 88 -12.34 10.46 -37.29
C ALA B 88 -12.17 9.24 -36.40
N GLU B 89 -11.68 8.12 -36.96
CA GLU B 89 -11.37 6.97 -36.13
C GLU B 89 -10.39 7.33 -35.04
N ALA B 90 -9.40 8.15 -35.37
CA ALA B 90 -8.40 8.54 -34.37
C ALA B 90 -9.07 9.25 -33.19
N ALA B 91 -10.03 10.14 -33.47
CA ALA B 91 -10.66 10.97 -32.44
C ALA B 91 -11.63 10.17 -31.58
N ALA B 92 -12.48 9.34 -32.20
CA ALA B 92 -13.28 8.37 -31.47
C ALA B 92 -12.41 7.54 -30.55
N HIS B 93 -11.21 7.20 -31.02
CA HIS B 93 -10.31 6.42 -30.21
C HIS B 93 -9.86 7.22 -29.00
N ALA B 94 -9.41 8.46 -29.22
CA ALA B 94 -9.00 9.28 -28.07
C ALA B 94 -10.17 9.53 -27.13
N GLY B 95 -11.39 9.60 -27.67
CA GLY B 95 -12.58 9.76 -26.86
C GLY B 95 -12.74 8.63 -25.86
N SER B 96 -12.77 7.39 -26.37
CA SER B 96 -12.84 6.22 -25.50
C SER B 96 -11.60 6.05 -24.65
N GLN B 97 -10.48 6.64 -25.03
CA GLN B 97 -9.25 6.48 -24.26
C GLN B 97 -9.09 7.57 -23.21
N ALA B 98 -9.64 8.77 -23.47
CA ALA B 98 -9.75 9.76 -22.43
C ALA B 98 -10.61 9.26 -21.28
N MET B 99 -11.63 8.47 -21.59
CA MET B 99 -12.58 8.03 -20.58
C MET B 99 -12.12 6.77 -19.88
N ALA B 100 -11.55 5.83 -20.65
CA ALA B 100 -10.77 4.76 -20.05
C ALA B 100 -9.74 5.32 -19.08
N SER B 101 -9.04 6.39 -19.49
CA SER B 101 -8.09 7.05 -18.61
C SER B 101 -8.68 7.39 -17.27
N ALA B 102 -9.87 8.01 -17.28
CA ALA B 102 -10.50 8.56 -16.08
C ALA B 102 -11.11 7.47 -15.22
N ALA B 103 -11.83 6.52 -15.84
CA ALA B 103 -12.26 5.33 -15.11
C ALA B 103 -11.09 4.63 -14.41
N ALA B 104 -9.88 4.77 -14.94
CA ALA B 104 -8.72 4.23 -14.23
C ALA B 104 -8.44 5.00 -12.95
N TYR B 105 -8.53 6.33 -13.01
CA TYR B 105 -8.40 7.14 -11.80
C TYR B 105 -9.51 6.83 -10.81
N GLU B 106 -10.75 6.72 -11.32
CA GLU B 106 -11.88 6.52 -10.43
C GLU B 106 -11.84 5.15 -9.75
N ALA B 107 -11.25 4.16 -10.39
CA ALA B 107 -11.07 2.87 -9.73
C ALA B 107 -9.96 2.91 -8.70
N ALA B 108 -8.94 3.74 -8.90
CA ALA B 108 -7.81 3.80 -7.98
C ALA B 108 -8.13 4.66 -6.76
N TYR B 109 -8.97 5.68 -6.94
CA TYR B 109 -9.51 6.43 -5.81
C TYR B 109 -10.43 5.55 -4.97
N ALA B 110 -11.27 4.75 -5.64
CA ALA B 110 -12.18 3.84 -4.95
C ALA B 110 -11.44 2.91 -3.99
N MET B 111 -10.28 2.41 -4.40
CA MET B 111 -9.56 1.43 -3.61
C MET B 111 -8.51 2.06 -2.72
N THR B 112 -8.16 3.31 -2.95
CA THR B 112 -7.20 3.97 -2.08
C THR B 112 -7.85 4.23 -0.73
N VAL B 113 -7.13 3.88 0.33
CA VAL B 113 -7.58 4.08 1.71
C VAL B 113 -7.68 5.57 1.99
N PRO B 114 -8.81 6.07 2.51
CA PRO B 114 -8.95 7.52 2.73
C PRO B 114 -7.89 8.04 3.69
N PRO B 115 -7.41 9.27 3.49
CA PRO B 115 -6.30 9.77 4.32
C PRO B 115 -6.60 9.76 5.80
N GLU B 116 -7.83 10.12 6.19
CA GLU B 116 -8.23 10.11 7.60
C GLU B 116 -8.33 8.69 8.17
N VAL B 117 -8.73 7.70 7.38
CA VAL B 117 -8.73 6.32 7.87
C VAL B 117 -7.31 5.86 8.20
N VAL B 118 -6.30 6.35 7.48
CA VAL B 118 -4.93 5.98 7.82
C VAL B 118 -4.52 6.62 9.15
N ALA B 119 -4.68 7.93 9.28
CA ALA B 119 -4.18 8.60 10.48
C ALA B 119 -4.95 8.21 11.74
N ALA B 120 -6.16 7.66 11.58
CA ALA B 120 -6.93 7.18 12.71
C ALA B 120 -6.27 5.97 13.33
N ASN B 121 -5.92 5.01 12.47
CA ASN B 121 -5.11 3.87 12.86
C ASN B 121 -3.80 4.32 13.51
N ARG B 122 -3.17 5.37 12.99
CA ARG B 122 -1.88 5.81 13.54
C ARG B 122 -2.04 6.39 14.94
N ALA B 123 -3.17 7.05 15.19
CA ALA B 123 -3.43 7.66 16.49
C ALA B 123 -3.90 6.63 17.51
N LEU B 124 -4.53 5.55 17.04
CA LEU B 124 -4.86 4.45 17.93
C LEU B 124 -3.60 3.71 18.37
N LEU B 125 -2.62 3.63 17.49
CA LEU B 125 -1.36 3.01 17.81
C LEU B 125 -0.68 3.83 18.91
N ALA B 126 -0.74 5.15 18.81
CA ALA B 126 -0.16 6.03 19.80
C ALA B 126 -0.91 5.94 21.12
N ALA B 127 -2.22 5.70 21.05
CA ALA B 127 -3.05 5.65 22.27
C ALA B 127 -2.82 4.35 23.03
N LEU B 128 -2.72 3.22 22.31
CA LEU B 128 -2.46 1.95 22.97
C LEU B 128 -1.05 1.86 23.53
N VAL B 129 -0.10 2.61 22.96
CA VAL B 129 1.27 2.56 23.47
C VAL B 129 1.38 3.34 24.78
N ALA B 130 0.71 4.51 24.86
CA ALA B 130 0.75 5.34 26.06
C ALA B 130 0.15 4.64 27.27
N THR B 131 -0.85 3.80 27.06
CA THR B 131 -1.53 3.08 28.13
C THR B 131 -0.99 1.66 28.35
N ASN B 132 0.08 1.26 27.67
CA ASN B 132 0.59 -0.11 27.79
C ASN B 132 1.65 -0.19 28.90
N VAL B 133 1.24 0.18 30.10
CA VAL B 133 2.18 0.29 31.21
C VAL B 133 2.53 -1.08 31.78
N LEU B 134 1.57 -1.99 31.67
CA LEU B 134 1.75 -3.37 32.11
C LEU B 134 1.91 -4.30 30.92
N GLY B 135 2.05 -3.74 29.72
CA GLY B 135 2.25 -4.54 28.52
C GLY B 135 1.08 -5.44 28.15
N ILE B 136 -0.07 -5.23 28.80
CA ILE B 136 -1.27 -6.04 28.58
C ILE B 136 -1.87 -5.80 27.19
N ASN B 137 -1.55 -4.67 26.57
CA ASN B 137 -2.18 -4.26 25.32
C ASN B 137 -1.37 -4.60 24.08
N THR B 138 -0.15 -5.09 24.26
CA THR B 138 0.75 -5.33 23.12
C THR B 138 0.11 -6.07 21.94
N PRO B 139 -0.73 -7.10 22.13
CA PRO B 139 -1.37 -7.72 20.95
C PRO B 139 -2.22 -6.76 20.14
N ALA B 140 -2.81 -5.73 20.74
CA ALA B 140 -3.58 -4.77 19.96
C ALA B 140 -2.66 -3.77 19.26
N ILE B 141 -1.52 -3.50 19.89
CA ILE B 141 -0.55 -2.61 19.31
C ILE B 141 -0.02 -3.24 18.04
N MET B 142 0.24 -4.54 18.05
CA MET B 142 0.73 -5.18 16.85
C MET B 142 -0.38 -5.61 15.93
N ALA B 143 -1.63 -5.63 16.39
CA ALA B 143 -2.75 -5.77 15.47
C ALA B 143 -2.99 -4.48 14.72
N THR B 144 -2.72 -3.37 15.39
CA THR B 144 -2.87 -2.05 14.77
C THR B 144 -1.78 -1.88 13.69
N GLU B 145 -0.62 -2.48 13.93
CA GLU B 145 0.49 -2.40 12.98
C GLU B 145 0.24 -3.27 11.75
N ALA B 146 -0.33 -4.46 11.95
CA ALA B 146 -0.67 -5.28 10.80
C ALA B 146 -1.69 -4.60 9.91
N LEU B 147 -2.70 -3.97 10.53
CA LEU B 147 -3.74 -3.31 9.77
C LEU B 147 -3.17 -2.19 8.91
N TYR B 148 -2.10 -1.57 9.40
CA TYR B 148 -1.43 -0.50 8.68
C TYR B 148 -0.76 -1.02 7.41
N ALA B 149 0.10 -2.03 7.56
CA ALA B 149 0.65 -2.80 6.45
C ALA B 149 -0.41 -3.21 5.44
N GLU B 150 -1.61 -3.55 5.90
CA GLU B 150 -2.69 -3.84 4.96
C GLU B 150 -3.05 -2.60 4.16
N MET B 151 -3.18 -1.45 4.84
CA MET B 151 -3.43 -0.20 4.11
C MET B 151 -2.27 0.10 3.18
N TRP B 152 -1.04 -0.15 3.63
CA TRP B 152 0.11 0.03 2.78
C TRP B 152 0.02 -0.85 1.54
N ALA B 153 -0.38 -2.10 1.69
CA ALA B 153 -0.50 -2.97 0.52
C ALA B 153 -1.69 -2.60 -0.34
N GLN B 154 -2.74 -2.03 0.26
CA GLN B 154 -3.90 -1.67 -0.55
C GLN B 154 -3.61 -0.42 -1.39
N ASP B 155 -2.89 0.56 -0.82
CA ASP B 155 -2.60 1.75 -1.60
C ASP B 155 -1.64 1.44 -2.76
N ALA B 156 -0.58 0.68 -2.49
CA ALA B 156 0.32 0.23 -3.54
C ALA B 156 -0.45 -0.48 -4.65
N LEU B 157 -1.24 -1.50 -4.28
CA LEU B 157 -1.98 -2.25 -5.29
C LEU B 157 -2.92 -1.35 -6.09
N ALA B 158 -3.38 -0.26 -5.49
CA ALA B 158 -4.23 0.69 -6.23
C ALA B 158 -3.42 1.51 -7.22
N MET B 159 -2.26 2.04 -6.79
CA MET B 159 -1.40 2.81 -7.66
C MET B 159 -0.86 1.96 -8.81
N TYR B 160 -0.37 0.74 -8.49
CA TYR B 160 0.17 -0.13 -9.53
C TYR B 160 -0.90 -0.47 -10.54
N GLY B 161 -2.12 -0.74 -10.08
CA GLY B 161 -3.22 -1.02 -10.98
C GLY B 161 -3.66 0.19 -11.76
N TYR B 162 -3.49 1.39 -11.17
CA TYR B 162 -3.75 2.66 -11.86
C TYR B 162 -2.74 2.88 -12.99
N ALA B 163 -1.45 2.82 -12.66
CA ALA B 163 -0.41 2.86 -13.68
C ALA B 163 -0.71 1.91 -14.82
N ALA B 164 -1.04 0.66 -14.48
CA ALA B 164 -1.27 -0.36 -15.52
C ALA B 164 -2.32 0.12 -16.51
N ALA B 165 -3.48 0.55 -16.01
CA ALA B 165 -4.58 0.92 -16.90
C ALA B 165 -4.33 2.24 -17.62
N SER B 166 -3.58 3.15 -17.01
CA SER B 166 -3.26 4.39 -17.70
C SER B 166 -2.30 4.17 -18.87
N GLY B 167 -1.55 3.06 -18.87
CA GLY B 167 -0.82 2.69 -20.06
C GLY B 167 -1.75 2.31 -21.20
N ALA B 168 -2.64 1.35 -20.94
CA ALA B 168 -3.62 0.94 -21.96
C ALA B 168 -4.51 2.09 -22.40
N ALA B 169 -4.66 3.13 -21.59
CA ALA B 169 -5.45 4.27 -22.02
C ALA B 169 -4.62 5.36 -22.67
N GLY B 170 -3.31 5.35 -22.47
CA GLY B 170 -2.38 6.25 -23.12
C GLY B 170 -2.05 5.93 -24.56
N MET B 171 -2.72 4.95 -25.17
CA MET B 171 -2.39 4.48 -26.51
C MET B 171 -3.20 5.24 -27.56
N LEU B 172 -2.55 6.12 -28.33
CA LEU B 172 -3.22 6.90 -29.37
C LEU B 172 -2.67 6.61 -30.77
N GLN B 173 -3.56 6.54 -31.75
CA GLN B 173 -3.14 6.39 -33.14
C GLN B 173 -2.29 7.59 -33.57
N PRO B 174 -1.20 7.40 -34.29
CA PRO B 174 -0.40 8.57 -34.71
C PRO B 174 -1.19 9.47 -35.65
N LEU B 175 -1.10 10.77 -35.42
CA LEU B 175 -1.76 11.76 -36.26
C LEU B 175 -0.77 12.33 -37.28
N SER B 176 -1.29 12.66 -38.47
CA SER B 176 -0.40 13.13 -39.53
C SER B 176 -1.20 14.00 -40.49
N PRO B 177 -0.55 14.95 -41.17
CA PRO B 177 -1.23 15.73 -42.20
C PRO B 177 -1.46 14.89 -43.44
N PRO B 178 -2.26 15.36 -44.39
CA PRO B 178 -2.48 14.58 -45.61
C PRO B 178 -1.35 14.79 -46.60
N SER B 179 -0.93 13.69 -47.25
CA SER B 179 0.09 13.76 -48.28
C SER B 179 -0.38 13.02 -49.53
N GLN B 180 0.21 13.40 -50.66
CA GLN B 180 -0.30 13.02 -51.98
C GLN B 180 -0.33 11.50 -52.16
N THR B 181 -1.27 11.02 -52.97
CA THR B 181 -1.40 9.60 -53.21
C THR B 181 -0.43 9.12 -54.29
N ARG C 15 26.57 -24.16 10.42
CA ARG C 15 25.46 -23.23 10.63
C ARG C 15 24.50 -23.25 9.45
N THR C 16 23.21 -23.10 9.74
CA THR C 16 22.19 -23.10 8.70
C THR C 16 21.29 -21.87 8.81
N ASP C 17 21.90 -20.72 9.11
CA ASP C 17 21.15 -19.47 9.26
C ASP C 17 21.57 -18.43 8.22
N ILE C 18 20.71 -17.43 8.04
CA ILE C 18 20.99 -16.30 7.17
C ILE C 18 20.63 -15.02 7.91
N THR C 19 21.16 -13.91 7.41
CA THR C 19 20.75 -12.60 7.92
C THR C 19 20.64 -11.65 6.74
N VAL C 20 19.58 -10.86 6.74
CA VAL C 20 19.36 -9.86 5.70
C VAL C 20 19.00 -8.55 6.40
N ASN C 21 19.12 -7.45 5.66
CA ASN C 21 18.58 -6.22 6.20
C ASN C 21 17.15 -6.06 5.69
N VAL C 22 16.49 -4.97 6.08
CA VAL C 22 15.05 -4.87 5.85
C VAL C 22 14.74 -4.84 4.35
N ASP C 23 15.57 -4.15 3.56
CA ASP C 23 15.36 -4.13 2.12
C ASP C 23 15.72 -5.47 1.48
N GLY C 24 16.70 -6.18 2.05
CA GLY C 24 16.97 -7.54 1.60
C GLY C 24 15.82 -8.50 1.88
N PHE C 25 15.19 -8.37 3.06
CA PHE C 25 14.04 -9.22 3.37
C PHE C 25 12.93 -9.04 2.35
N TRP C 26 12.84 -7.84 1.77
CA TRP C 26 11.81 -7.56 0.78
C TRP C 26 12.09 -8.29 -0.52
N MET C 27 13.36 -8.38 -0.89
CA MET C 27 13.76 -9.09 -2.09
C MET C 27 13.35 -10.56 -1.97
N LEU C 28 13.39 -11.06 -0.74
CA LEU C 28 13.01 -12.44 -0.44
C LEU C 28 11.52 -12.56 -0.70
N GLN C 29 10.73 -11.74 -0.01
CA GLN C 29 9.29 -11.76 -0.22
C GLN C 29 8.96 -11.63 -1.70
N ALA C 30 9.73 -10.81 -2.43
CA ALA C 30 9.45 -10.55 -3.83
C ALA C 30 9.64 -11.80 -4.67
N LEU C 31 10.80 -12.44 -4.51
CA LEU C 31 11.10 -13.64 -5.29
C LEU C 31 10.18 -14.79 -4.93
N LEU C 32 9.62 -14.77 -3.73
CA LEU C 32 8.73 -15.85 -3.33
C LEU C 32 7.26 -15.48 -3.39
N ASP C 33 6.93 -14.21 -3.64
CA ASP C 33 5.53 -13.76 -3.75
C ASP C 33 4.78 -14.04 -2.44
N ILE C 34 5.20 -13.31 -1.41
CA ILE C 34 4.60 -13.36 -0.08
C ILE C 34 4.22 -11.91 0.19
N ARG C 35 3.00 -11.65 0.62
CA ARG C 35 2.59 -10.27 0.81
C ARG C 35 3.11 -9.71 2.14
N HIS C 36 2.97 -10.48 3.22
CA HIS C 36 3.27 -10.02 4.56
C HIS C 36 4.04 -11.08 5.31
N VAL C 37 4.69 -10.63 6.38
CA VAL C 37 5.20 -11.49 7.43
C VAL C 37 4.58 -10.98 8.73
N ALA C 38 5.00 -11.58 9.85
CA ALA C 38 4.57 -11.09 11.15
C ALA C 38 4.80 -9.58 11.25
N PRO C 39 3.89 -8.85 11.92
CA PRO C 39 4.02 -7.37 11.97
C PRO C 39 5.10 -6.89 12.90
N GLU C 40 5.56 -7.71 13.83
CA GLU C 40 6.67 -7.36 14.70
C GLU C 40 7.98 -7.29 13.93
N LEU C 41 8.02 -7.86 12.72
CA LEU C 41 9.25 -7.81 11.93
C LEU C 41 9.39 -6.46 11.25
N ARG C 42 8.25 -5.86 10.88
CA ARG C 42 8.16 -4.47 10.44
C ARG C 42 8.96 -4.24 9.15
N CYS C 43 8.64 -5.04 8.15
CA CYS C 43 9.20 -4.90 6.81
C CYS C 43 8.21 -4.17 5.92
N ARG C 44 8.57 -4.02 4.66
CA ARG C 44 7.53 -3.52 3.78
C ARG C 44 6.70 -4.67 3.24
N PRO C 45 5.45 -4.41 2.90
CA PRO C 45 4.66 -5.42 2.17
C PRO C 45 5.10 -5.53 0.72
N TYR C 46 5.04 -6.74 0.17
CA TYR C 46 5.22 -6.97 -1.26
C TYR C 46 3.87 -7.15 -1.93
N VAL C 47 3.60 -6.36 -2.95
CA VAL C 47 2.38 -6.48 -3.73
C VAL C 47 2.77 -6.89 -5.15
N SER C 48 2.05 -7.88 -5.69
CA SER C 48 2.32 -8.37 -7.03
C SER C 48 2.42 -7.22 -8.03
N THR C 49 3.55 -7.14 -8.73
CA THR C 49 3.77 -6.09 -9.71
C THR C 49 3.78 -6.65 -11.13
N VAL C 63 24.33 -9.24 -3.31
CA VAL C 63 24.74 -9.80 -2.02
C VAL C 63 24.00 -11.11 -1.73
N MET C 64 22.78 -11.22 -2.25
CA MET C 64 21.97 -12.41 -2.05
C MET C 64 22.63 -13.62 -2.70
N ARG C 65 23.13 -13.45 -3.91
CA ARG C 65 23.79 -14.55 -4.63
C ARG C 65 25.12 -14.92 -3.97
N GLU C 66 25.89 -13.91 -3.56
CA GLU C 66 27.16 -14.17 -2.88
C GLU C 66 26.96 -15.10 -1.68
N GLN C 67 26.17 -14.67 -0.71
CA GLN C 67 25.95 -15.44 0.50
C GLN C 67 24.98 -16.59 0.24
N GLY C 68 24.81 -16.95 -1.04
CA GLY C 68 24.16 -18.18 -1.44
C GLY C 68 22.66 -18.22 -1.26
N ILE C 69 22.02 -17.11 -0.90
CA ILE C 69 20.59 -17.14 -0.62
C ILE C 69 19.76 -17.25 -1.91
N VAL C 70 20.36 -16.83 -3.02
CA VAL C 70 19.74 -16.92 -4.34
C VAL C 70 20.72 -17.61 -5.30
N VAL C 71 20.23 -18.64 -5.98
CA VAL C 71 20.96 -19.35 -7.00
C VAL C 71 20.21 -18.92 -8.25
N ASN C 72 20.93 -18.42 -9.26
CA ASN C 72 20.32 -17.91 -10.51
C ASN C 72 19.24 -16.90 -10.14
N ASP C 73 18.07 -17.17 -10.69
CA ASP C 73 16.92 -16.39 -10.47
C ASP C 73 16.20 -17.05 -9.33
N ALA C 74 16.64 -18.20 -8.82
CA ALA C 74 15.74 -18.59 -7.73
C ALA C 74 16.30 -18.47 -6.33
N VAL C 75 15.46 -18.75 -5.34
CA VAL C 75 15.87 -18.69 -3.95
C VAL C 75 16.25 -20.06 -3.41
N ASN C 76 17.23 -20.06 -2.51
CA ASN C 76 17.70 -21.30 -1.90
C ASN C 76 16.45 -22.03 -1.44
N GLU C 77 16.44 -23.34 -1.60
CA GLU C 77 15.26 -24.11 -1.23
C GLU C 77 15.05 -24.13 0.28
N GLN C 78 16.15 -24.08 1.02
CA GLN C 78 16.10 -24.13 2.48
C GLN C 78 15.45 -22.87 3.04
N VAL C 79 15.98 -21.73 2.63
CA VAL C 79 15.50 -20.43 3.03
C VAL C 79 14.10 -20.20 2.51
N ALA C 80 13.77 -20.79 1.37
CA ALA C 80 12.44 -20.64 0.77
C ALA C 80 11.38 -21.30 1.64
N ALA C 81 11.69 -22.44 2.25
CA ALA C 81 10.71 -23.16 3.06
C ALA C 81 10.44 -22.41 4.37
N ARG C 82 11.49 -21.89 5.00
CA ARG C 82 11.32 -21.10 6.22
C ARG C 82 10.52 -19.83 5.93
N MET C 83 10.85 -19.14 4.84
CA MET C 83 10.09 -17.95 4.48
C MET C 83 8.62 -18.29 4.30
N LYS C 84 8.34 -19.49 3.76
CA LYS C 84 6.95 -19.84 3.53
C LYS C 84 6.21 -20.06 4.84
N VAL C 85 6.93 -20.35 5.93
CA VAL C 85 6.32 -20.49 7.26
C VAL C 85 5.91 -19.11 7.78
N LEU C 86 6.89 -18.22 7.95
CA LEU C 86 6.63 -16.83 8.32
C LEU C 86 5.51 -16.22 7.50
N ALA C 87 5.45 -16.56 6.20
CA ALA C 87 4.45 -15.99 5.29
C ALA C 87 3.03 -16.33 5.73
N ALA C 88 2.80 -17.57 6.15
CA ALA C 88 1.47 -17.99 6.56
C ALA C 88 1.54 -19.11 7.58
N PRO C 89 1.81 -18.78 8.85
CA PRO C 89 1.95 -19.81 9.88
C PRO C 89 0.66 -20.06 10.67
N ASP C 90 0.50 -21.27 11.19
CA ASP C 90 -0.67 -21.61 11.99
C ASP C 90 -0.62 -20.93 13.35
N LEU C 91 0.58 -20.77 13.88
CA LEU C 91 0.77 -20.15 15.17
C LEU C 91 2.02 -19.29 15.18
N GLU C 92 2.00 -18.25 16.00
CA GLU C 92 3.11 -17.32 16.12
C GLU C 92 3.35 -16.99 17.58
N VAL C 93 4.60 -17.07 18.02
CA VAL C 93 4.92 -16.73 19.41
C VAL C 93 6.02 -15.67 19.36
N VAL C 94 5.74 -14.53 19.99
CA VAL C 94 6.62 -13.38 19.97
C VAL C 94 7.22 -12.98 21.29
N ALA C 95 8.37 -12.31 21.23
CA ALA C 95 9.02 -11.80 22.43
C ALA C 95 9.62 -10.44 22.10
N LEU C 96 9.01 -9.38 22.63
CA LEU C 96 9.61 -8.06 22.56
C LEU C 96 10.49 -7.86 23.79
N LEU C 97 11.77 -7.71 23.58
CA LEU C 97 12.73 -7.41 24.62
C LEU C 97 13.35 -6.05 24.40
N SER C 98 13.80 -5.44 25.49
CA SER C 98 14.38 -4.12 25.41
C SER C 98 15.47 -3.98 26.46
N ARG C 99 16.57 -3.34 26.07
CA ARG C 99 17.54 -2.81 27.02
C ARG C 99 16.99 -1.45 27.50
N GLY C 100 16.48 -1.42 28.72
CA GLY C 100 15.74 -0.27 29.21
C GLY C 100 14.26 -0.41 28.95
N LYS C 101 13.57 0.73 29.00
CA LYS C 101 12.12 0.71 28.88
C LYS C 101 11.70 0.29 27.46
N LEU C 102 10.96 -0.80 27.37
CA LEU C 102 10.36 -1.21 26.10
C LEU C 102 9.43 -0.12 25.56
N LEU C 103 9.76 0.40 24.38
CA LEU C 103 9.04 1.48 23.73
C LEU C 103 8.01 1.00 22.72
N TYR C 104 7.89 -0.31 22.51
CA TYR C 104 6.82 -0.89 21.70
C TYR C 104 6.78 -0.31 20.29
N GLY C 105 7.93 0.10 19.77
CA GLY C 105 8.08 0.45 18.37
C GLY C 105 8.17 1.93 18.07
N VAL C 106 7.91 2.80 19.05
CA VAL C 106 7.72 4.21 18.79
C VAL C 106 8.98 4.98 19.19
N ILE C 107 9.57 5.67 18.22
CA ILE C 107 10.76 6.50 18.40
C ILE C 107 10.31 7.94 18.51
N ASP C 108 10.81 8.65 19.51
CA ASP C 108 10.48 10.07 19.68
C ASP C 108 11.29 10.87 18.65
N ASP C 109 10.59 11.44 17.67
CA ASP C 109 11.26 12.11 16.57
C ASP C 109 10.22 12.86 15.74
N GLU C 110 10.66 14.01 15.23
CA GLU C 110 9.87 14.85 14.34
C GLU C 110 10.33 14.47 12.93
N ASN C 111 11.63 14.19 12.80
CA ASN C 111 12.23 13.78 11.53
C ASN C 111 11.99 12.30 11.23
N GLN C 112 11.07 11.67 11.93
CA GLN C 112 10.62 10.34 11.55
C GLN C 112 9.74 10.45 10.31
N PRO C 113 10.06 9.77 9.21
CA PRO C 113 9.19 9.84 8.01
C PRO C 113 7.92 9.06 8.21
N PRO C 114 6.85 9.41 7.50
CA PRO C 114 5.65 8.57 7.53
C PRO C 114 5.98 7.14 7.14
N GLY C 115 5.35 6.19 7.81
CA GLY C 115 5.54 4.79 7.47
C GLY C 115 6.94 4.27 7.63
N SER C 116 7.77 4.93 8.43
CA SER C 116 9.13 4.43 8.67
C SER C 116 9.11 2.99 9.14
N ARG C 117 10.09 2.21 8.67
CA ARG C 117 10.27 0.83 9.11
C ARG C 117 11.39 0.66 10.12
N ASP C 118 11.91 1.75 10.68
CA ASP C 118 12.89 1.66 11.76
C ASP C 118 12.23 1.18 13.05
N ILE C 119 12.99 0.48 13.88
CA ILE C 119 12.56 0.15 15.24
C ILE C 119 13.55 0.79 16.21
N PRO C 120 13.13 1.05 17.45
CA PRO C 120 14.03 1.64 18.44
C PRO C 120 15.31 0.85 18.61
N ASP C 121 16.44 1.55 18.63
CA ASP C 121 17.77 0.94 18.72
C ASP C 121 17.97 0.02 19.93
N ASN C 122 17.07 0.07 20.89
CA ASN C 122 17.18 -0.75 22.09
C ASN C 122 16.16 -1.88 22.13
N GLU C 123 15.59 -2.19 20.98
CA GLU C 123 14.61 -3.23 20.89
C GLU C 123 15.09 -4.46 20.13
N PHE C 124 14.68 -5.63 20.61
CA PHE C 124 14.93 -6.89 19.91
C PHE C 124 13.56 -7.53 19.72
N ARG C 125 13.33 -8.05 18.52
CA ARG C 125 12.08 -8.72 18.19
C ARG C 125 12.36 -10.19 17.88
N VAL C 126 11.51 -11.08 18.40
CA VAL C 126 11.68 -12.51 18.20
C VAL C 126 10.33 -13.09 17.78
N VAL C 127 10.27 -13.67 16.59
CA VAL C 127 9.05 -14.31 16.11
C VAL C 127 9.37 -15.78 15.89
N LEU C 128 8.47 -16.66 16.33
CA LEU C 128 8.61 -18.10 16.16
C LEU C 128 7.30 -18.66 15.62
N ALA C 129 7.21 -18.74 14.30
CA ALA C 129 6.06 -19.26 13.58
C ALA C 129 6.16 -20.78 13.43
N ARG C 130 5.02 -21.41 13.16
CA ARG C 130 5.02 -22.84 12.88
C ARG C 130 3.89 -23.13 11.89
N ARG C 131 4.25 -23.54 10.69
CA ARG C 131 3.34 -24.11 9.71
C ARG C 131 3.57 -25.62 9.72
N GLY C 132 2.51 -26.39 9.92
CA GLY C 132 2.65 -27.83 10.08
C GLY C 132 3.48 -28.14 11.33
N GLN C 133 4.64 -28.79 11.15
CA GLN C 133 5.57 -29.05 12.24
C GLN C 133 6.95 -28.43 11.98
N HIS C 134 7.00 -27.41 11.13
CA HIS C 134 8.21 -26.67 10.80
C HIS C 134 8.18 -25.40 11.64
N TRP C 135 9.07 -25.30 12.64
CA TRP C 135 9.18 -24.10 13.47
C TRP C 135 10.33 -23.24 12.97
N VAL C 136 10.05 -21.96 12.71
CA VAL C 136 10.98 -21.03 12.08
C VAL C 136 11.04 -19.80 12.95
N SER C 137 12.23 -19.43 13.42
CA SER C 137 12.43 -18.19 14.16
C SER C 137 12.88 -17.04 13.26
N ALA C 138 12.28 -15.87 13.46
CA ALA C 138 12.67 -14.63 12.82
C ALA C 138 13.03 -13.61 13.90
N VAL C 139 14.25 -13.11 13.87
CA VAL C 139 14.76 -12.21 14.91
C VAL C 139 15.25 -10.90 14.27
N ARG C 140 14.62 -9.79 14.61
CA ARG C 140 15.02 -8.46 14.14
C ARG C 140 15.65 -7.65 15.25
N VAL C 141 16.89 -7.19 15.02
CA VAL C 141 17.62 -6.27 15.89
C VAL C 141 18.18 -5.17 15.01
N GLY C 142 17.81 -3.92 15.31
CA GLY C 142 18.12 -2.84 14.40
C GLY C 142 17.46 -3.09 13.06
N ASN C 143 18.22 -2.86 11.99
CA ASN C 143 17.70 -3.04 10.64
C ASN C 143 18.00 -4.41 10.07
N ASP C 144 18.48 -5.34 10.90
CA ASP C 144 18.83 -6.68 10.43
C ASP C 144 17.83 -7.71 10.97
N ILE C 145 17.43 -8.63 10.09
CA ILE C 145 16.64 -9.82 10.43
C ILE C 145 17.50 -11.05 10.21
N THR C 146 17.39 -12.03 11.10
CA THR C 146 18.02 -13.32 10.83
C THR C 146 16.91 -14.37 10.88
N VAL C 147 16.93 -15.32 9.93
CA VAL C 147 15.95 -16.40 9.86
C VAL C 147 16.67 -17.75 9.92
N ASP C 148 16.39 -18.52 10.98
CA ASP C 148 16.88 -19.88 11.14
C ASP C 148 15.69 -20.79 11.40
N ASP C 149 15.93 -22.10 11.29
CA ASP C 149 15.03 -23.06 11.92
C ASP C 149 15.16 -22.90 13.43
N VAL C 150 14.18 -23.44 14.16
CA VAL C 150 14.23 -23.41 15.62
C VAL C 150 13.66 -24.72 16.14
N THR C 151 14.21 -25.20 17.24
CA THR C 151 13.79 -26.45 17.84
C THR C 151 12.96 -26.11 19.08
N VAL C 152 11.67 -26.45 19.05
CA VAL C 152 10.78 -26.20 20.18
C VAL C 152 9.90 -27.43 20.41
N SER C 153 9.71 -27.77 21.69
CA SER C 153 8.91 -28.93 22.06
C SER C 153 7.71 -28.54 22.91
N ASP C 154 7.96 -28.18 24.16
CA ASP C 154 6.88 -27.81 25.05
C ASP C 154 7.03 -26.34 25.43
N SER C 155 6.28 -25.94 26.46
CA SER C 155 6.40 -24.60 27.00
C SER C 155 7.82 -24.33 27.49
N ALA C 156 8.45 -25.33 28.09
CA ALA C 156 9.76 -25.14 28.71
C ALA C 156 10.80 -24.67 27.69
N SER C 157 10.87 -25.34 26.53
CA SER C 157 11.86 -24.96 25.52
C SER C 157 11.60 -23.57 24.96
N ILE C 158 10.34 -23.16 24.94
CA ILE C 158 9.98 -21.83 24.46
C ILE C 158 10.31 -20.76 25.51
N ALA C 159 10.03 -21.06 26.77
CA ALA C 159 10.46 -20.20 27.86
C ALA C 159 11.98 -20.12 27.97
N ALA C 160 12.69 -21.17 27.51
CA ALA C 160 14.15 -21.18 27.61
C ALA C 160 14.79 -20.19 26.63
N LEU C 161 14.17 -19.99 25.48
CA LEU C 161 14.70 -19.02 24.53
C LEU C 161 14.51 -17.61 25.05
N VAL C 162 13.33 -17.31 25.59
CA VAL C 162 13.08 -15.96 26.03
C VAL C 162 13.98 -15.61 27.20
N MET C 163 14.29 -16.58 28.05
CA MET C 163 15.07 -16.25 29.23
C MET C 163 16.57 -16.15 28.93
N ASP C 164 17.12 -17.05 28.12
CA ASP C 164 18.55 -16.95 27.80
C ASP C 164 18.82 -15.83 26.82
N GLY C 165 17.78 -15.19 26.28
CA GLY C 165 17.89 -13.95 25.54
C GLY C 165 17.83 -12.74 26.44
N LEU C 166 16.85 -12.72 27.35
CA LEU C 166 16.77 -11.66 28.35
C LEU C 166 18.00 -11.64 29.24
N GLU C 167 18.53 -12.82 29.59
CA GLU C 167 19.66 -12.87 30.49
C GLU C 167 20.91 -12.28 29.86
N SER C 168 21.03 -12.35 28.54
CA SER C 168 22.16 -11.74 27.88
C SER C 168 21.94 -10.26 27.62
N ILE C 169 20.68 -9.80 27.64
CA ILE C 169 20.39 -8.37 27.75
C ILE C 169 20.85 -7.85 29.11
N HIS C 170 20.49 -8.58 30.17
CA HIS C 170 20.61 -8.12 31.55
C HIS C 170 20.51 -9.34 32.47
N HIS C 171 21.41 -9.46 33.43
CA HIS C 171 21.26 -10.50 34.44
C HIS C 171 20.50 -9.92 35.63
N ALA C 172 19.43 -10.62 36.05
CA ALA C 172 18.60 -10.20 37.16
C ALA C 172 18.17 -11.42 37.97
N ASP C 173 18.26 -11.29 39.31
CA ASP C 173 17.67 -12.29 40.19
C ASP C 173 16.19 -12.01 40.34
N PRO C 174 15.37 -13.02 40.63
CA PRO C 174 13.93 -12.78 40.77
C PRO C 174 13.65 -11.93 42.00
N ALA C 175 12.59 -11.14 41.92
CA ALA C 175 12.19 -10.33 43.06
C ALA C 175 11.93 -11.19 44.29
N ALA C 176 12.39 -10.73 45.45
CA ALA C 176 12.05 -11.39 46.72
C ALA C 176 10.66 -10.92 47.18
N ILE C 177 9.66 -11.34 46.40
CA ILE C 177 8.26 -11.00 46.63
C ILE C 177 7.48 -12.32 46.70
N ASN C 178 6.20 -12.24 47.01
CA ASN C 178 5.34 -13.41 47.01
C ASN C 178 4.28 -13.23 45.93
N ALA C 179 3.95 -14.34 45.26
CA ALA C 179 2.90 -14.32 44.24
C ALA C 179 1.60 -13.80 44.84
N VAL C 180 0.75 -13.22 44.02
CA VAL C 180 -0.51 -12.66 44.50
C VAL C 180 -1.38 -12.40 43.29
N ASN C 181 -2.64 -12.84 43.37
CA ASN C 181 -3.58 -12.60 42.30
C ASN C 181 -4.41 -11.38 42.65
N VAL C 182 -4.86 -10.68 41.61
CA VAL C 182 -5.31 -9.29 41.70
C VAL C 182 -6.36 -9.03 40.63
N PRO C 183 -7.43 -8.31 40.94
CA PRO C 183 -8.44 -8.02 39.91
C PRO C 183 -7.85 -7.12 38.82
N MET C 184 -8.08 -7.52 37.57
CA MET C 184 -7.49 -6.85 36.41
C MET C 184 -7.81 -5.37 36.35
N GLU C 185 -9.06 -5.07 36.02
CA GLU C 185 -9.54 -3.70 35.86
C GLU C 185 -9.13 -2.77 36.98
N GLU C 186 -9.28 -3.24 38.23
CA GLU C 186 -8.93 -2.41 39.36
C GLU C 186 -7.44 -2.10 39.38
N MET C 187 -6.63 -3.06 38.96
CA MET C 187 -5.19 -2.90 38.93
C MET C 187 -4.77 -1.91 37.85
N LEU C 188 -5.24 -2.13 36.63
CA LEU C 188 -4.90 -1.24 35.52
C LEU C 188 -5.22 0.21 35.85
N GLU C 189 -6.37 0.42 36.48
CA GLU C 189 -6.80 1.75 36.89
C GLU C 189 -5.87 2.25 37.99
N ALA C 190 -5.63 1.40 38.99
CA ALA C 190 -4.74 1.77 40.09
C ALA C 190 -3.36 2.10 39.57
N THR C 191 -2.92 1.38 38.53
CA THR C 191 -1.62 1.59 37.91
C THR C 191 -1.57 2.87 37.09
N LYS C 192 -2.67 3.19 36.38
CA LYS C 192 -2.71 4.43 35.62
C LYS C 192 -2.51 5.62 36.53
N SER C 193 -3.19 5.64 37.68
CA SER C 193 -3.10 6.75 38.61
C SER C 193 -1.80 6.71 39.39
N TRP C 194 -1.21 5.52 39.55
CA TRP C 194 0.06 5.44 40.25
C TRP C 194 1.16 6.08 39.42
N GLN C 195 1.06 5.94 38.10
CA GLN C 195 2.08 6.48 37.22
C GLN C 195 2.18 7.99 37.34
N GLU C 196 1.06 8.67 37.58
CA GLU C 196 1.06 10.11 37.73
C GLU C 196 1.97 10.59 38.86
N SER C 197 2.27 9.72 39.83
CA SER C 197 3.17 10.04 40.92
C SER C 197 4.63 9.80 40.57
N GLY C 198 4.89 9.17 39.42
CA GLY C 198 6.19 8.59 39.16
C GLY C 198 6.34 7.23 39.78
N PHE C 199 5.23 6.49 39.95
CA PHE C 199 5.23 5.24 40.70
C PHE C 199 5.87 5.45 42.07
N ASN C 200 5.60 6.61 42.66
CA ASN C 200 6.15 6.95 43.97
C ASN C 200 5.65 5.95 45.00
N VAL C 201 6.55 5.49 45.86
CA VAL C 201 6.17 4.51 46.87
C VAL C 201 5.23 5.13 47.91
N PHE C 202 5.19 6.46 48.02
CA PHE C 202 4.19 7.07 48.90
C PHE C 202 2.78 6.90 48.33
N SER C 203 2.61 6.98 47.02
CA SER C 203 1.28 6.89 46.43
C SER C 203 0.83 5.46 46.16
N GLY C 204 1.48 4.49 46.79
CA GLY C 204 1.11 3.10 46.60
C GLY C 204 -0.07 2.64 47.42
N GLY C 205 -0.71 3.55 48.16
CA GLY C 205 -1.81 3.17 49.03
C GLY C 205 -2.89 2.35 48.35
N ASP C 206 -3.31 2.77 47.15
CA ASP C 206 -4.43 2.08 46.50
C ASP C 206 -4.08 0.67 46.07
N LEU C 207 -2.79 0.36 46.02
CA LEU C 207 -2.32 -0.95 45.63
C LEU C 207 -2.33 -1.88 46.83
N ARG C 208 -1.79 -1.42 47.95
CA ARG C 208 -1.76 -2.23 49.16
C ARG C 208 -3.18 -2.41 49.72
N ARG C 209 -4.09 -1.47 49.43
CA ARG C 209 -5.50 -1.62 49.79
C ARG C 209 -6.18 -2.60 48.84
N MET C 210 -5.37 -3.28 48.02
CA MET C 210 -5.90 -4.23 47.05
C MET C 210 -5.41 -5.65 47.28
N GLY C 211 -4.65 -5.90 48.36
CA GLY C 211 -4.11 -7.22 48.66
C GLY C 211 -2.64 -7.39 48.39
N ILE C 212 -2.06 -6.48 47.61
CA ILE C 212 -0.65 -6.59 47.25
C ILE C 212 0.30 -6.37 48.42
N SER C 213 1.20 -7.31 48.63
CA SER C 213 2.17 -7.21 49.71
C SER C 213 2.93 -5.89 49.59
N ALA C 214 3.62 -5.49 50.66
CA ALA C 214 4.35 -4.23 50.64
C ALA C 214 5.61 -4.35 49.78
N ALA C 215 6.38 -5.42 49.96
CA ALA C 215 7.60 -5.59 49.20
C ALA C 215 7.33 -5.69 47.71
N THR C 216 6.17 -6.24 47.34
CA THR C 216 5.80 -6.35 45.94
C THR C 216 5.73 -4.94 45.36
N VAL C 217 5.04 -4.05 46.06
CA VAL C 217 4.91 -2.66 45.64
C VAL C 217 6.29 -2.03 45.45
N ALA C 218 7.23 -2.33 46.36
CA ALA C 218 8.59 -1.80 46.23
C ALA C 218 9.21 -2.23 44.93
N ALA C 219 9.15 -3.53 44.63
CA ALA C 219 9.78 -4.07 43.43
C ALA C 219 9.01 -3.73 42.18
N LEU C 220 7.67 -3.68 42.27
CA LEU C 220 6.90 -3.28 41.10
C LEU C 220 7.09 -1.79 40.82
N GLY C 221 7.12 -0.98 41.88
CA GLY C 221 7.48 0.42 41.73
C GLY C 221 8.73 0.66 40.90
N GLN C 222 9.84 0.07 41.34
CA GLN C 222 11.12 0.23 40.66
C GLN C 222 11.12 -0.36 39.25
N ALA C 223 10.40 -1.46 39.06
CA ALA C 223 10.36 -2.10 37.75
C ALA C 223 9.65 -1.24 36.71
N LEU C 224 8.77 -0.34 37.13
CA LEU C 224 8.10 0.55 36.19
C LEU C 224 8.73 1.93 36.15
N SER C 225 9.26 2.40 37.28
CA SER C 225 9.88 3.72 37.35
C SER C 225 11.13 3.79 36.48
N ASP C 226 12.08 2.89 36.69
CA ASP C 226 13.36 2.88 35.97
C ASP C 226 13.79 1.43 35.73
N PRO C 227 13.33 0.82 34.63
CA PRO C 227 13.59 -0.60 34.41
C PRO C 227 14.84 -0.84 33.58
N ALA C 228 15.51 -1.95 33.90
CA ALA C 228 16.73 -2.35 33.20
C ALA C 228 16.43 -3.10 31.92
N ALA C 229 15.37 -3.91 31.92
CA ALA C 229 15.00 -4.67 30.74
C ALA C 229 13.60 -5.20 30.95
N GLU C 230 12.79 -5.11 29.92
CA GLU C 230 11.45 -5.65 29.91
C GLU C 230 11.30 -6.63 28.77
N VAL C 231 10.31 -7.51 28.90
CA VAL C 231 9.95 -8.50 27.91
C VAL C 231 8.45 -8.54 27.85
N ALA C 232 7.92 -8.81 26.66
CA ALA C 232 6.50 -9.01 26.49
C ALA C 232 6.33 -10.21 25.58
N VAL C 233 5.68 -11.24 26.09
CA VAL C 233 5.52 -12.49 25.36
C VAL C 233 4.05 -12.72 25.11
N TYR C 234 3.69 -12.88 23.83
CA TYR C 234 2.32 -13.23 23.46
C TYR C 234 2.37 -14.14 22.24
N ALA C 235 1.18 -14.49 21.75
CA ALA C 235 1.05 -15.48 20.69
C ALA C 235 -0.27 -15.25 19.98
N ARG C 236 -0.39 -15.90 18.82
CA ARG C 236 -1.54 -15.76 17.95
C ARG C 236 -1.79 -17.06 17.22
N GLN C 237 -3.01 -17.21 16.71
CA GLN C 237 -3.38 -18.41 15.97
C GLN C 237 -4.24 -18.05 14.76
N TYR C 238 -4.27 -18.96 13.79
CA TYR C 238 -4.99 -18.74 12.53
C TYR C 238 -5.84 -19.96 12.22
N ARG C 239 -7.06 -19.72 11.73
CA ARG C 239 -7.90 -20.79 11.23
C ARG C 239 -8.87 -20.17 10.24
N ASP C 240 -8.75 -20.57 8.98
CA ASP C 240 -9.54 -20.05 7.88
C ASP C 240 -9.41 -18.53 7.80
N ASP C 241 -8.15 -18.09 7.71
CA ASP C 241 -7.72 -16.68 7.64
C ASP C 241 -8.42 -15.80 8.68
N ALA C 242 -8.38 -16.23 9.94
CA ALA C 242 -9.01 -15.50 11.03
C ALA C 242 -8.02 -15.42 12.18
N LYS C 243 -7.46 -14.24 12.40
CA LYS C 243 -6.45 -14.04 13.44
C LYS C 243 -7.07 -13.97 14.85
N GLY C 244 -6.30 -14.40 15.84
CA GLY C 244 -6.75 -14.40 17.22
C GLY C 244 -5.58 -14.47 18.19
N PRO C 245 -5.36 -13.38 18.94
CA PRO C 245 -4.27 -13.31 19.91
C PRO C 245 -4.62 -13.96 21.25
N SER C 246 -3.59 -14.43 21.95
CA SER C 246 -3.77 -15.07 23.24
C SER C 246 -4.46 -14.10 24.18
N ALA C 247 -5.26 -14.63 25.11
CA ALA C 247 -5.92 -13.79 26.09
C ALA C 247 -4.99 -13.36 27.22
N SER C 248 -3.82 -13.98 27.34
CA SER C 248 -2.81 -13.62 28.32
C SER C 248 -1.55 -13.11 27.61
N VAL C 249 -1.01 -12.01 28.14
CA VAL C 249 0.30 -11.50 27.79
C VAL C 249 1.18 -11.65 29.03
N LEU C 250 2.41 -12.09 28.82
CA LEU C 250 3.34 -12.28 29.92
C LEU C 250 4.41 -11.21 29.84
N SER C 251 4.35 -10.23 30.74
CA SER C 251 5.35 -9.17 30.81
C SER C 251 6.32 -9.47 31.94
N LEU C 252 7.61 -9.36 31.66
CA LEU C 252 8.65 -9.42 32.69
C LEU C 252 9.34 -8.08 32.73
N LYS C 253 9.59 -7.57 33.93
CA LYS C 253 10.31 -6.33 34.14
C LYS C 253 11.41 -6.56 35.16
N ASP C 254 12.50 -5.82 35.00
CA ASP C 254 13.69 -5.93 35.83
C ASP C 254 13.80 -4.61 36.58
N GLY C 255 13.59 -4.64 37.90
CA GLY C 255 13.80 -3.48 38.72
C GLY C 255 15.18 -3.52 39.33
N SER C 256 15.47 -2.49 40.13
CA SER C 256 16.53 -2.56 41.11
C SER C 256 16.08 -3.33 42.35
N GLY C 257 15.07 -4.15 42.17
CA GLY C 257 14.51 -4.94 43.23
C GLY C 257 14.14 -6.29 42.68
N GLY C 258 14.71 -6.61 41.53
CA GLY C 258 14.61 -7.93 40.96
C GLY C 258 13.76 -7.93 39.71
N ARG C 259 13.42 -9.15 39.28
CA ARG C 259 12.58 -9.33 38.09
C ARG C 259 11.20 -9.80 38.52
N ILE C 260 10.19 -9.36 37.77
CA ILE C 260 8.79 -9.57 38.11
C ILE C 260 8.08 -10.11 36.88
N ALA C 261 7.20 -11.08 37.09
CA ALA C 261 6.34 -11.57 36.03
C ALA C 261 4.90 -11.17 36.30
N LEU C 262 4.22 -10.68 35.27
CA LEU C 262 2.82 -10.30 35.34
C LEU C 262 2.10 -10.94 34.17
N TYR C 263 0.94 -11.53 34.43
CA TYR C 263 0.20 -12.11 33.31
C TYR C 263 -1.22 -12.40 33.74
N GLN C 264 -2.16 -12.18 32.82
CA GLN C 264 -3.53 -12.57 33.08
C GLN C 264 -3.61 -14.07 33.35
N GLN C 265 -4.34 -14.44 34.38
CA GLN C 265 -4.56 -15.85 34.60
C GLN C 265 -5.56 -16.38 33.58
N ALA C 266 -5.67 -17.71 33.49
CA ALA C 266 -6.52 -18.30 32.47
C ALA C 266 -7.99 -18.11 32.82
N ARG C 267 -8.78 -17.74 31.82
CA ARG C 267 -10.21 -17.45 31.99
C ARG C 267 -11.00 -18.11 30.85
N GLU C 273 -14.89 -13.03 35.84
CA GLU C 273 -14.07 -11.85 35.57
C GLU C 273 -12.59 -12.22 35.27
N ALA C 274 -11.68 -11.23 35.24
CA ALA C 274 -10.27 -11.44 34.86
C ALA C 274 -9.32 -11.02 35.98
N TRP C 275 -8.24 -11.79 36.14
CA TRP C 275 -7.33 -11.66 37.27
C TRP C 275 -5.87 -11.65 36.80
N LEU C 276 -5.09 -10.74 37.39
CA LEU C 276 -3.68 -10.57 37.05
C LEU C 276 -2.81 -11.27 38.08
N ALA C 277 -1.74 -11.89 37.61
CA ALA C 277 -0.82 -12.67 38.45
C ALA C 277 0.48 -11.91 38.55
N ILE C 278 0.80 -11.43 39.74
CA ILE C 278 2.03 -10.67 39.99
C ILE C 278 2.92 -11.53 40.86
N CYS C 279 4.00 -12.03 40.29
CA CYS C 279 4.83 -12.99 41.00
C CYS C 279 6.28 -12.77 40.60
N PRO C 280 7.23 -13.30 41.38
CA PRO C 280 8.63 -13.16 40.99
C PRO C 280 8.90 -13.98 39.74
N ALA C 281 9.82 -13.47 38.93
CA ALA C 281 10.20 -14.13 37.69
C ALA C 281 11.13 -15.31 37.92
N THR C 282 10.64 -16.29 38.66
CA THR C 282 11.43 -17.50 38.87
C THR C 282 11.24 -18.43 37.70
N PRO C 283 12.17 -19.37 37.52
CA PRO C 283 12.12 -20.33 36.43
C PRO C 283 10.78 -21.04 36.37
N GLN C 284 10.28 -21.48 37.51
CA GLN C 284 8.99 -22.17 37.56
C GLN C 284 7.84 -21.30 37.03
N LEU C 285 7.66 -20.12 37.65
CA LEU C 285 6.50 -19.31 37.33
C LEU C 285 6.60 -18.67 35.94
N VAL C 286 7.81 -18.28 35.52
CA VAL C 286 8.03 -17.85 34.14
C VAL C 286 7.56 -18.92 33.16
N GLN C 287 7.90 -20.19 33.46
CA GLN C 287 7.38 -21.31 32.66
C GLN C 287 5.85 -21.39 32.73
N VAL C 288 5.26 -21.20 33.93
CA VAL C 288 3.79 -21.22 34.07
C VAL C 288 3.16 -20.08 33.27
N GLY C 289 3.75 -18.89 33.34
CA GLY C 289 3.21 -17.77 32.59
C GLY C 289 3.22 -18.03 31.09
N VAL C 290 4.27 -18.67 30.60
CA VAL C 290 4.34 -18.96 29.17
C VAL C 290 3.34 -20.06 28.77
N LYS C 291 3.06 -20.96 29.70
CA LYS C 291 2.09 -22.02 29.48
C LYS C 291 0.70 -21.39 29.44
N THR C 292 0.49 -20.37 30.28
CA THR C 292 -0.79 -19.68 30.34
C THR C 292 -1.08 -19.00 29.00
N VAL C 293 -0.11 -18.23 28.51
CA VAL C 293 -0.23 -17.56 27.22
C VAL C 293 -0.59 -18.56 26.13
N LEU C 294 0.21 -19.64 26.02
CA LEU C 294 0.02 -20.63 24.97
C LEU C 294 -1.29 -21.39 25.09
N ASP C 295 -1.90 -21.45 26.27
CA ASP C 295 -3.16 -22.15 26.41
C ASP C 295 -4.38 -21.24 26.45
N THR C 296 -4.17 -19.92 26.39
CA THR C 296 -5.27 -18.98 26.18
C THR C 296 -5.37 -18.59 24.71
N LEU C 297 -5.11 -19.53 23.82
CA LEU C 297 -5.23 -19.23 22.39
C LEU C 297 -6.61 -19.65 21.87
N PRO C 298 -7.16 -18.87 20.94
CA PRO C 298 -8.59 -19.04 20.58
C PRO C 298 -8.99 -20.41 20.04
N TYR C 299 -8.10 -21.15 19.35
CA TYR C 299 -8.50 -22.40 18.72
C TYR C 299 -7.73 -23.60 19.29
N GLY C 300 -7.36 -23.53 20.56
CA GLY C 300 -6.92 -24.70 21.29
C GLY C 300 -5.50 -25.20 21.07
N GLU C 301 -5.38 -26.46 20.67
CA GLU C 301 -4.10 -27.17 20.65
C GLU C 301 -3.02 -26.36 19.96
N TRP C 302 -1.98 -26.02 20.72
CA TRP C 302 -0.94 -25.12 20.22
C TRP C 302 0.19 -25.86 19.53
N LYS C 303 0.55 -27.05 20.01
CA LYS C 303 1.63 -27.84 19.40
C LYS C 303 1.22 -28.53 18.10
N THR C 304 -0.08 -28.73 17.92
CA THR C 304 -0.63 -29.39 16.74
C THR C 304 -1.91 -28.67 16.33
N HIS C 305 -1.86 -27.92 15.22
CA HIS C 305 -3.01 -27.13 14.79
C HIS C 305 -2.83 -26.69 13.34
N SER C 306 -3.94 -26.66 12.59
CA SER C 306 -3.93 -26.31 11.17
C SER C 306 -4.86 -25.14 10.91
N ARG C 307 -4.50 -24.31 9.92
CA ARG C 307 -5.39 -23.21 9.52
C ARG C 307 -6.48 -23.65 8.54
#